data_6PMH
#
_entry.id   6PMH
#
_cell.length_a   113.815
_cell.length_b   113.815
_cell.length_c   239.873
_cell.angle_alpha   90.000
_cell.angle_beta   90.000
_cell.angle_gamma   120.000
#
_symmetry.space_group_name_H-M   'H 3 2'
#
loop_
_entity.id
_entity.type
_entity.pdbx_description
1 polymer 'UDP-glucose 4-epimerase related protein'
2 non-polymer 'PHOSPHATE ION'
3 non-polymer GLYCEROL
4 non-polymer 'CHLORIDE ION'
5 non-polymer "URIDINE-5'-DIPHOSPHATE"
6 non-polymer 'ADENOSINE MONOPHOSPHATE'
7 water water
#
_entity_poly.entity_id   1
_entity_poly.type   'polypeptide(L)'
_entity_poly.pdbx_seq_one_letter_code
;MRGSHHHHHHGMASMTGGQQMGRDLYDDDDKDHPFTMIMDEFRAYDGKCVLVTGGAGCVGSNLTGNLAKAGANVIILDNL
SSSYEWNIPEYENIEFVKGDILDDEVLKRVFKERPDYVFHLAAHFANQNSVDNPEKDLLVNGLGILKVLEYAQLVGVERF
VYSSSG(CME)GVYGLDSKIPFEEHDISISLHTPYQVTKLLGELYTNYFHNLYEMPIVNARFFNVFGPGEVPGKYRNVIP
NFFYWAMNQQPLPITGDGSETRDWTFVEDIVRGLMAMGVRREAIGEAINLGSGTEHQVIEMAGIINELTENPAGVVYRPR
RDWDAKTRLLSSIDKARRLLDYEPQVSFREGLERTHRWFTENWELIRKSAEF
;
_entity_poly.pdbx_strand_id   A
#
# COMPACT_ATOMS: atom_id res chain seq x y z
N MET A 39 9.11 -12.12 14.97
CA MET A 39 8.66 -13.53 15.12
C MET A 39 8.09 -13.71 16.54
N ASP A 40 8.95 -13.52 17.53
CA ASP A 40 8.57 -13.43 18.95
C ASP A 40 7.92 -12.06 19.18
N GLU A 41 8.34 -11.08 18.37
CA GLU A 41 7.81 -9.70 18.34
C GLU A 41 6.29 -9.66 18.09
N PHE A 42 5.88 -10.33 17.02
CA PHE A 42 4.50 -10.30 16.51
C PHE A 42 3.51 -11.16 17.31
N ARG A 43 3.95 -11.83 18.36
CA ARG A 43 3.03 -12.59 19.18
C ARG A 43 2.20 -11.67 20.08
N ALA A 44 2.44 -10.35 20.08
CA ALA A 44 1.48 -9.41 20.66
C ALA A 44 0.17 -9.31 19.87
N TYR A 45 0.11 -9.86 18.65
CA TYR A 45 -1.16 -9.90 17.90
C TYR A 45 -2.04 -11.12 18.25
N ASP A 46 -1.46 -12.11 18.93
CA ASP A 46 -2.17 -13.35 19.22
C ASP A 46 -3.36 -13.06 20.13
N GLY A 47 -4.53 -13.56 19.72
CA GLY A 47 -5.79 -13.27 20.42
C GLY A 47 -6.34 -11.84 20.29
N LYS A 48 -5.68 -10.96 19.53
CA LYS A 48 -6.15 -9.57 19.39
C LYS A 48 -7.08 -9.42 18.20
N CYS A 49 -8.04 -8.50 18.34
CA CYS A 49 -8.91 -8.15 17.22
C CYS A 49 -8.21 -7.06 16.38
N VAL A 50 -8.04 -7.32 15.09
CA VAL A 50 -7.39 -6.40 14.17
C VAL A 50 -8.28 -6.12 12.98
N LEU A 51 -8.57 -4.84 12.76
CA LEU A 51 -9.35 -4.39 11.62
C LEU A 51 -8.36 -3.87 10.57
N VAL A 52 -8.49 -4.39 9.36
CA VAL A 52 -7.73 -3.94 8.21
C VAL A 52 -8.76 -3.43 7.23
N THR A 53 -8.86 -2.12 7.08
CA THR A 53 -9.64 -1.56 6.02
C THR A 53 -8.78 -1.71 4.77
N GLY A 54 -9.42 -1.95 3.63
CA GLY A 54 -8.73 -2.24 2.37
C GLY A 54 -7.97 -3.57 2.43
N GLY A 55 -8.42 -4.48 3.29
CA GLY A 55 -7.71 -5.71 3.53
C GLY A 55 -7.75 -6.77 2.44
N ALA A 56 -8.52 -6.57 1.37
CA ALA A 56 -8.49 -7.48 0.24
C ALA A 56 -7.50 -7.11 -0.87
N GLY A 57 -6.87 -5.95 -0.80
CA GLY A 57 -5.89 -5.52 -1.80
C GLY A 57 -4.55 -6.21 -1.63
N CYS A 58 -3.58 -5.73 -2.39
CA CYS A 58 -2.26 -6.34 -2.42
C CYS A 58 -1.64 -6.34 -1.02
N VAL A 59 -1.45 -5.16 -0.43
CA VAL A 59 -0.85 -5.10 0.92
C VAL A 59 -1.75 -5.80 1.96
N GLY A 60 -3.04 -5.53 1.89
CA GLY A 60 -3.96 -6.05 2.87
C GLY A 60 -4.04 -7.57 2.91
N SER A 61 -4.05 -8.19 1.74
CA SER A 61 -4.13 -9.62 1.69
C SER A 61 -2.91 -10.29 2.28
N ASN A 62 -1.75 -9.78 1.95
N ASN A 62 -1.68 -9.87 1.99
CA ASN A 62 -0.50 -10.29 2.51
CA ASN A 62 -0.49 -10.50 2.67
C ASN A 62 -0.44 -10.06 4.04
C ASN A 62 -0.48 -10.10 4.15
N LEU A 63 -0.83 -8.85 4.46
CA LEU A 63 -0.89 -8.46 5.87
C LEU A 63 -1.87 -9.32 6.69
N THR A 64 -3.08 -9.52 6.19
CA THR A 64 -4.09 -10.28 6.94
C THR A 64 -3.61 -11.73 7.14
N GLY A 65 -3.06 -12.32 6.08
CA GLY A 65 -2.46 -13.65 6.15
C GLY A 65 -1.44 -13.75 7.29
N ASN A 66 -0.52 -12.80 7.36
CA ASN A 66 0.47 -12.83 8.42
C ASN A 66 -0.11 -12.60 9.79
N LEU A 67 -1.10 -11.70 9.90
CA LEU A 67 -1.78 -11.51 11.19
C LEU A 67 -2.52 -12.76 11.62
N ALA A 68 -3.16 -13.42 10.67
CA ALA A 68 -3.87 -14.66 10.97
C ALA A 68 -2.90 -15.75 11.51
N LYS A 69 -1.72 -15.89 10.88
CA LYS A 69 -0.68 -16.83 11.35
C LYS A 69 -0.20 -16.49 12.73
N ALA A 70 -0.16 -15.21 13.06
CA ALA A 70 0.26 -14.80 14.39
C ALA A 70 -0.85 -14.93 15.45
N GLY A 71 -2.00 -15.51 15.08
CA GLY A 71 -3.15 -15.67 15.99
C GLY A 71 -4.15 -14.50 16.17
N ALA A 72 -4.09 -13.47 15.32
CA ALA A 72 -5.05 -12.39 15.46
C ALA A 72 -6.39 -12.82 14.90
N ASN A 73 -7.44 -12.27 15.49
CA ASN A 73 -8.78 -12.32 14.92
C ASN A 73 -8.93 -11.11 14.02
N VAL A 74 -8.83 -11.34 12.72
CA VAL A 74 -8.72 -10.32 11.73
C VAL A 74 -10.10 -10.05 11.18
N ILE A 75 -10.40 -8.77 11.03
CA ILE A 75 -11.60 -8.35 10.30
C ILE A 75 -11.12 -7.52 9.13
N ILE A 76 -11.56 -7.89 7.93
CA ILE A 76 -11.33 -7.08 6.73
C ILE A 76 -12.60 -6.32 6.40
N LEU A 77 -12.47 -5.01 6.16
CA LEU A 77 -13.50 -4.22 5.57
C LEU A 77 -12.99 -3.73 4.23
N ASP A 78 -13.67 -4.12 3.15
CA ASP A 78 -13.24 -3.82 1.79
C ASP A 78 -14.45 -3.78 0.89
N ASN A 79 -14.56 -2.75 0.05
CA ASN A 79 -15.70 -2.66 -0.84
C ASN A 79 -15.45 -3.39 -2.17
N LEU A 80 -14.31 -4.06 -2.31
CA LEU A 80 -13.97 -4.75 -3.55
C LEU A 80 -13.98 -3.85 -4.80
N SER A 81 -13.62 -2.59 -4.65
CA SER A 81 -13.65 -1.69 -5.79
C SER A 81 -12.45 -1.93 -6.69
N SER A 82 -11.30 -2.32 -6.13
CA SER A 82 -10.12 -2.66 -6.94
C SER A 82 -9.58 -4.04 -6.64
N SER A 83 -10.26 -4.81 -5.81
CA SER A 83 -9.75 -6.10 -5.42
C SER A 83 -10.91 -7.07 -5.48
N TYR A 84 -10.61 -8.34 -5.26
CA TYR A 84 -11.60 -9.40 -5.36
C TYR A 84 -11.51 -10.27 -4.16
N GLU A 85 -12.64 -10.90 -3.85
CA GLU A 85 -12.73 -11.75 -2.67
C GLU A 85 -11.77 -12.94 -2.79
N TRP A 86 -11.58 -13.46 -4.00
CA TRP A 86 -10.61 -14.53 -4.23
C TRP A 86 -9.17 -14.20 -3.79
N ASN A 87 -8.84 -12.92 -3.68
CA ASN A 87 -7.52 -12.49 -3.24
C ASN A 87 -7.30 -12.63 -1.73
N ILE A 88 -8.36 -12.82 -0.96
CA ILE A 88 -8.23 -12.94 0.49
C ILE A 88 -7.74 -14.34 0.85
N PRO A 89 -6.67 -14.43 1.65
CA PRO A 89 -6.22 -15.79 1.99
C PRO A 89 -7.21 -16.47 2.92
N GLU A 90 -7.30 -17.80 2.85
CA GLU A 90 -8.37 -18.56 3.53
C GLU A 90 -7.84 -19.01 4.88
N TYR A 91 -8.29 -18.33 5.92
CA TYR A 91 -7.97 -18.69 7.29
C TYR A 91 -9.25 -18.58 8.08
N GLU A 92 -9.39 -19.44 9.08
CA GLU A 92 -10.58 -19.45 9.93
C GLU A 92 -10.75 -18.13 10.67
N ASN A 93 -9.64 -17.52 11.06
CA ASN A 93 -9.65 -16.32 11.87
C ASN A 93 -9.55 -15.02 11.06
N ILE A 94 -9.97 -15.04 9.78
CA ILE A 94 -10.19 -13.84 9.00
C ILE A 94 -11.70 -13.76 8.75
N GLU A 95 -12.32 -12.66 9.20
CA GLU A 95 -13.72 -12.36 8.88
C GLU A 95 -13.73 -11.31 7.75
N PHE A 96 -14.36 -11.64 6.63
CA PHE A 96 -14.44 -10.70 5.54
C PHE A 96 -15.79 -9.98 5.56
N VAL A 97 -15.75 -8.65 5.65
CA VAL A 97 -16.92 -7.77 5.61
C VAL A 97 -16.85 -6.88 4.38
N LYS A 98 -17.74 -7.12 3.44
CA LYS A 98 -17.84 -6.30 2.25
C LYS A 98 -18.57 -5.00 2.61
N GLY A 99 -17.86 -3.88 2.46
CA GLY A 99 -18.48 -2.62 2.70
C GLY A 99 -17.52 -1.50 2.52
N ASP A 100 -18.05 -0.30 2.73
CA ASP A 100 -17.35 0.91 2.38
C ASP A 100 -17.04 1.66 3.67
N ILE A 101 -15.85 2.25 3.71
CA ILE A 101 -15.45 3.11 4.82
C ILE A 101 -16.24 4.41 4.92
N LEU A 102 -16.98 4.77 3.86
CA LEU A 102 -17.86 5.91 3.91
C LEU A 102 -19.24 5.65 4.55
N ASP A 103 -19.52 4.39 4.85
CA ASP A 103 -20.84 3.96 5.29
C ASP A 103 -20.80 3.75 6.79
N ASP A 104 -21.53 4.59 7.51
CA ASP A 104 -21.56 4.53 8.98
C ASP A 104 -22.19 3.26 9.51
N GLU A 105 -23.06 2.61 8.75
CA GLU A 105 -23.63 1.36 9.23
C GLU A 105 -22.58 0.25 9.37
N VAL A 106 -21.85 0.02 8.29
CA VAL A 106 -20.86 -1.02 8.31
C VAL A 106 -19.72 -0.68 9.27
N LEU A 107 -19.40 0.60 9.43
CA LEU A 107 -18.35 0.98 10.38
C LEU A 107 -18.76 0.58 11.79
N LYS A 108 -20.03 0.77 12.13
CA LYS A 108 -20.51 0.34 13.46
C LYS A 108 -20.43 -1.20 13.58
N ARG A 109 -20.75 -1.90 12.52
CA ARG A 109 -20.66 -3.32 12.50
C ARG A 109 -19.28 -3.86 12.85
N VAL A 110 -18.22 -3.26 12.31
CA VAL A 110 -16.86 -3.77 12.56
C VAL A 110 -16.27 -3.22 13.85
N PHE A 111 -16.55 -1.96 14.14
CA PHE A 111 -15.99 -1.33 15.33
C PHE A 111 -16.65 -1.82 16.62
N LYS A 112 -17.86 -2.36 16.57
CA LYS A 112 -18.47 -2.97 17.75
C LYS A 112 -17.76 -4.24 18.18
N GLU A 113 -16.97 -4.83 17.28
N GLU A 113 -16.98 -4.84 17.29
CA GLU A 113 -16.03 -5.91 17.64
CA GLU A 113 -16.06 -5.92 17.67
C GLU A 113 -14.86 -5.41 18.51
C GLU A 113 -14.86 -5.42 18.50
N ARG A 114 -14.71 -4.09 18.62
CA ARG A 114 -13.68 -3.45 19.42
CA ARG A 114 -13.68 -3.48 19.44
C ARG A 114 -12.27 -3.87 18.99
N PRO A 115 -11.86 -3.44 17.78
CA PRO A 115 -10.49 -3.76 17.39
C PRO A 115 -9.44 -3.12 18.32
N ASP A 116 -8.41 -3.89 18.64
CA ASP A 116 -7.21 -3.38 19.31
C ASP A 116 -6.27 -2.69 18.35
N TYR A 117 -6.29 -3.10 17.07
CA TYR A 117 -5.44 -2.51 16.04
C TYR A 117 -6.27 -2.21 14.82
N VAL A 118 -6.02 -1.05 14.23
CA VAL A 118 -6.57 -0.74 12.92
C VAL A 118 -5.41 -0.48 11.97
N PHE A 119 -5.40 -1.20 10.86
CA PHE A 119 -4.52 -0.88 9.75
C PHE A 119 -5.41 -0.26 8.67
N HIS A 120 -5.22 1.01 8.37
CA HIS A 120 -6.07 1.69 7.40
C HIS A 120 -5.41 1.72 6.02
N LEU A 121 -5.78 0.74 5.20
CA LEU A 121 -5.23 0.58 3.84
C LEU A 121 -6.27 0.89 2.76
N ALA A 122 -7.51 1.21 3.13
CA ALA A 122 -8.53 1.54 2.14
C ALA A 122 -8.21 2.88 1.53
N ALA A 123 -8.16 2.94 0.21
CA ALA A 123 -7.79 4.14 -0.49
C ALA A 123 -8.32 4.16 -1.88
N HIS A 124 -8.50 5.36 -2.41
CA HIS A 124 -8.91 5.62 -3.76
C HIS A 124 -7.53 5.73 -4.50
N PHE A 125 -7.23 4.75 -5.34
CA PHE A 125 -5.98 4.58 -6.04
C PHE A 125 -5.96 4.78 -7.54
N ALA A 126 -5.12 5.64 -8.06
CA ALA A 126 -4.16 6.48 -7.38
C ALA A 126 -3.96 7.81 -8.13
N ASN A 127 -2.80 8.07 -8.72
CA ASN A 127 -2.55 9.34 -9.32
C ASN A 127 -3.54 9.71 -10.43
N GLN A 128 -3.60 8.98 -11.55
CA GLN A 128 -4.52 9.32 -12.63
C GLN A 128 -5.96 9.22 -12.17
N ASN A 129 -6.27 8.19 -11.42
CA ASN A 129 -7.63 8.03 -10.91
C ASN A 129 -8.11 9.29 -10.15
N SER A 130 -7.21 9.84 -9.34
CA SER A 130 -7.49 11.04 -8.57
C SER A 130 -7.59 12.30 -9.41
N VAL A 131 -6.75 12.42 -10.43
CA VAL A 131 -6.83 13.54 -11.37
C VAL A 131 -8.19 13.53 -12.09
N ASP A 132 -8.62 12.34 -12.49
CA ASP A 132 -9.90 12.13 -13.17
C ASP A 132 -11.10 12.38 -12.25
N ASN A 133 -11.00 11.89 -11.01
CA ASN A 133 -12.12 11.86 -10.07
C ASN A 133 -11.69 12.47 -8.72
N PRO A 134 -11.42 13.77 -8.70
CA PRO A 134 -10.86 14.37 -7.50
C PRO A 134 -11.81 14.46 -6.31
N GLU A 135 -13.11 14.56 -6.54
CA GLU A 135 -14.08 14.64 -5.43
C GLU A 135 -14.24 13.31 -4.73
N LYS A 136 -14.35 12.26 -5.56
CA LYS A 136 -14.48 10.89 -5.13
C LYS A 136 -13.26 10.53 -4.29
N ASP A 137 -12.10 10.87 -4.84
CA ASP A 137 -10.78 10.75 -4.20
C ASP A 137 -10.78 11.41 -2.81
N LEU A 138 -11.28 12.64 -2.73
CA LEU A 138 -11.35 13.35 -1.44
C LEU A 138 -12.31 12.63 -0.49
N LEU A 139 -13.46 12.20 -0.99
CA LEU A 139 -14.40 11.58 -0.08
C LEU A 139 -13.79 10.31 0.53
N VAL A 140 -13.13 9.50 -0.29
CA VAL A 140 -12.64 8.20 0.18
C VAL A 140 -11.41 8.36 1.07
N ASN A 141 -10.46 9.14 0.59
CA ASN A 141 -9.17 9.30 1.27
C ASN A 141 -9.22 10.34 2.38
N GLY A 142 -10.11 11.34 2.27
CA GLY A 142 -10.27 12.36 3.31
C GLY A 142 -11.37 11.98 4.28
N LEU A 143 -12.60 11.94 3.82
CA LEU A 143 -13.73 11.67 4.72
C LEU A 143 -13.71 10.21 5.21
N GLY A 144 -13.29 9.29 4.35
CA GLY A 144 -13.14 7.89 4.77
C GLY A 144 -12.20 7.70 5.94
N ILE A 145 -10.99 8.26 5.86
CA ILE A 145 -10.07 8.09 6.98
C ILE A 145 -10.61 8.81 8.22
N LEU A 146 -11.25 9.95 8.02
CA LEU A 146 -11.75 10.71 9.16
C LEU A 146 -12.80 9.89 9.89
N LYS A 147 -13.70 9.25 9.16
CA LYS A 147 -14.71 8.38 9.82
C LYS A 147 -14.08 7.23 10.56
N VAL A 148 -13.10 6.58 9.93
CA VAL A 148 -12.46 5.44 10.54
C VAL A 148 -11.76 5.91 11.82
N LEU A 149 -11.07 7.06 11.75
CA LEU A 149 -10.43 7.63 12.94
C LEU A 149 -11.44 7.93 14.05
N GLU A 150 -12.57 8.55 13.70
CA GLU A 150 -13.59 8.87 14.71
C GLU A 150 -14.09 7.64 15.44
N TYR A 151 -14.36 6.56 14.71
CA TYR A 151 -14.78 5.30 15.35
C TYR A 151 -13.65 4.73 16.20
N ALA A 152 -12.43 4.73 15.67
CA ALA A 152 -11.28 4.29 16.44
C ALA A 152 -11.15 5.03 17.76
N GLN A 153 -11.46 6.33 17.76
CA GLN A 153 -11.44 7.13 18.98
C GLN A 153 -12.50 6.67 19.95
N LEU A 154 -13.71 6.39 19.45
CA LEU A 154 -14.79 5.90 20.30
C LEU A 154 -14.48 4.63 21.07
N VAL A 155 -13.88 3.63 20.41
CA VAL A 155 -13.57 2.38 21.08
C VAL A 155 -12.20 2.33 21.77
N GLY A 156 -11.27 3.18 21.35
CA GLY A 156 -9.89 3.12 21.83
C GLY A 156 -9.10 2.07 21.09
N VAL A 157 -7.94 2.40 20.58
CA VAL A 157 -7.08 1.42 19.90
C VAL A 157 -5.65 1.47 20.47
N GLU A 158 -4.94 0.35 20.37
CA GLU A 158 -3.51 0.28 20.71
C GLU A 158 -2.64 0.84 19.63
N ARG A 159 -3.08 0.73 18.38
CA ARG A 159 -2.38 1.35 17.27
CA ARG A 159 -2.37 1.34 17.27
C ARG A 159 -3.31 1.58 16.10
N PHE A 160 -3.10 2.69 15.40
CA PHE A 160 -3.76 3.06 14.17
C PHE A 160 -2.64 3.32 13.16
N VAL A 161 -2.48 2.37 12.25
CA VAL A 161 -1.43 2.42 11.24
C VAL A 161 -2.04 2.71 9.88
N TYR A 162 -1.61 3.83 9.31
CA TYR A 162 -2.18 4.37 8.11
C TYR A 162 -1.16 4.15 6.98
N SER A 163 -1.63 3.63 5.84
CA SER A 163 -0.78 3.55 4.64
C SER A 163 -0.80 4.89 3.91
N SER A 164 0.15 5.73 4.26
CA SER A 164 0.47 6.93 3.51
C SER A 164 1.35 6.57 2.29
N SER A 165 1.93 7.58 1.63
CA SER A 165 2.67 7.37 0.40
C SER A 165 3.88 8.28 0.31
N GLY A 166 4.98 7.72 -0.18
CA GLY A 166 6.18 8.48 -0.52
C GLY A 166 6.00 9.41 -1.71
N GLY A 168 3.01 10.98 -2.23
CA GLY A 168 2.21 12.04 -1.64
C GLY A 168 2.83 13.09 -0.71
N VAL A 169 4.13 13.03 -0.41
CA VAL A 169 4.77 14.02 0.48
C VAL A 169 6.14 14.61 0.13
N TYR A 170 6.93 13.95 -0.69
CA TYR A 170 8.24 14.43 -1.07
C TYR A 170 8.12 15.17 -2.40
N GLY A 171 8.50 16.43 -2.41
CA GLY A 171 8.32 17.28 -3.57
C GLY A 171 9.59 17.40 -4.35
N LEU A 172 9.52 18.27 -5.35
CA LEU A 172 10.64 18.47 -6.26
C LEU A 172 11.86 19.01 -5.51
N ASP A 173 11.67 19.77 -4.43
CA ASP A 173 12.80 20.25 -3.62
C ASP A 173 13.29 19.30 -2.53
N SER A 174 12.58 18.20 -2.26
CA SER A 174 13.02 17.24 -1.25
C SER A 174 14.29 16.54 -1.76
N LYS A 175 15.33 16.46 -0.92
CA LYS A 175 16.58 15.80 -1.28
C LYS A 175 16.45 14.27 -1.23
N ILE A 176 16.94 13.62 -2.29
CA ILE A 176 17.02 12.17 -2.39
C ILE A 176 18.31 11.79 -1.66
N PRO A 177 18.33 10.71 -0.89
CA PRO A 177 17.19 9.88 -0.56
C PRO A 177 16.25 10.56 0.45
N PHE A 178 14.95 10.43 0.23
CA PHE A 178 13.96 11.20 0.99
C PHE A 178 13.91 10.87 2.46
N GLU A 179 14.09 11.89 3.29
CA GLU A 179 13.99 11.76 4.74
C GLU A 179 12.67 12.33 5.24
N GLU A 180 12.17 11.74 6.30
CA GLU A 180 10.78 11.95 6.73
C GLU A 180 10.43 13.42 7.05
N HIS A 181 11.37 14.20 7.60
CA HIS A 181 11.15 15.64 7.89
C HIS A 181 11.04 16.44 6.60
N ASP A 182 11.57 15.95 5.49
CA ASP A 182 11.78 16.78 4.29
C ASP A 182 10.57 16.80 3.32
N ILE A 183 9.45 17.27 3.82
CA ILE A 183 8.18 17.24 3.09
C ILE A 183 7.87 18.52 2.26
N SER A 184 6.96 18.36 1.31
CA SER A 184 6.46 19.44 0.50
C SER A 184 4.93 19.53 0.64
N ILE A 185 4.38 20.73 0.45
CA ILE A 185 2.96 20.94 0.28
C ILE A 185 2.61 21.41 -1.13
N SER A 186 3.53 21.17 -2.06
CA SER A 186 3.34 21.50 -3.44
C SER A 186 3.30 20.19 -4.22
N LEU A 187 2.09 19.75 -4.51
CA LEU A 187 1.87 18.40 -4.98
C LEU A 187 1.20 18.40 -6.34
N HIS A 188 1.21 17.23 -6.97
CA HIS A 188 0.89 17.13 -8.37
C HIS A 188 -0.39 16.37 -8.74
N THR A 189 -1.01 15.66 -7.80
CA THR A 189 -2.29 15.00 -8.03
C THR A 189 -3.14 15.09 -6.78
N PRO A 190 -4.47 14.96 -6.93
CA PRO A 190 -5.32 14.92 -5.75
C PRO A 190 -5.03 13.74 -4.83
N TYR A 191 -4.57 12.62 -5.38
CA TYR A 191 -4.11 11.45 -4.56
C TYR A 191 -2.96 11.84 -3.63
N GLN A 192 -2.00 12.60 -4.15
CA GLN A 192 -0.89 13.04 -3.32
C GLN A 192 -1.45 13.93 -2.23
N VAL A 193 -2.31 14.85 -2.62
CA VAL A 193 -2.97 15.71 -1.67
C VAL A 193 -3.66 14.92 -0.53
N THR A 194 -4.44 13.92 -0.91
CA THR A 194 -5.28 13.21 0.09
C THR A 194 -4.51 12.17 0.85
N LYS A 195 -3.43 11.67 0.27
CA LYS A 195 -2.51 10.85 1.06
C LYS A 195 -1.88 11.66 2.21
N LEU A 196 -1.47 12.88 1.92
CA LEU A 196 -0.96 13.76 2.97
C LEU A 196 -2.07 14.15 3.94
N LEU A 197 -3.26 14.43 3.42
CA LEU A 197 -4.42 14.71 4.27
C LEU A 197 -4.62 13.64 5.31
N GLY A 198 -4.49 12.39 4.94
CA GLY A 198 -4.61 11.34 5.97
C GLY A 198 -3.61 11.46 7.12
N GLU A 199 -2.39 11.86 6.80
CA GLU A 199 -1.42 12.15 7.86
C GLU A 199 -1.83 13.34 8.70
N LEU A 200 -2.35 14.37 8.06
CA LEU A 200 -2.86 15.50 8.81
C LEU A 200 -3.88 15.03 9.84
N TYR A 201 -4.75 14.13 9.44
CA TYR A 201 -5.77 13.64 10.34
C TYR A 201 -5.23 12.73 11.43
N THR A 202 -4.34 11.79 11.09
CA THR A 202 -3.78 10.91 12.13
C THR A 202 -2.98 11.74 13.16
N ASN A 203 -2.23 12.72 12.70
CA ASN A 203 -1.49 13.57 13.63
C ASN A 203 -2.40 14.38 14.55
N TYR A 204 -3.51 14.84 13.98
CA TYR A 204 -4.52 15.54 14.76
C TYR A 204 -5.03 14.65 15.87
N PHE A 205 -5.47 13.45 15.50
CA PHE A 205 -6.03 12.53 16.50
C PHE A 205 -4.96 12.11 17.54
N HIS A 206 -3.73 12.01 17.10
CA HIS A 206 -2.64 11.83 18.04
C HIS A 206 -2.45 13.04 18.99
N ASN A 207 -2.46 14.25 18.43
CA ASN A 207 -2.18 15.48 19.17
C ASN A 207 -3.30 15.81 20.16
N LEU A 208 -4.56 15.80 19.74
CA LEU A 208 -5.63 16.18 20.65
C LEU A 208 -6.12 15.02 21.54
N TYR A 209 -6.17 13.80 21.00
CA TYR A 209 -6.83 12.69 21.65
C TYR A 209 -5.87 11.57 21.99
N GLU A 210 -4.57 11.80 21.80
CA GLU A 210 -3.54 10.82 22.21
C GLU A 210 -3.72 9.46 21.55
N MET A 211 -4.31 9.46 20.35
CA MET A 211 -4.41 8.23 19.59
C MET A 211 -3.01 7.76 19.18
N PRO A 212 -2.71 6.49 19.41
CA PRO A 212 -1.39 5.99 19.04
C PRO A 212 -1.32 5.65 17.54
N ILE A 213 -0.96 6.65 16.74
CA ILE A 213 -0.96 6.50 15.29
C ILE A 213 0.43 6.24 14.74
N VAL A 214 0.48 5.66 13.56
CA VAL A 214 1.71 5.58 12.80
C VAL A 214 1.40 5.84 11.34
N ASN A 215 2.19 6.71 10.70
CA ASN A 215 2.05 7.00 9.31
C ASN A 215 3.15 6.33 8.50
N ALA A 216 2.77 5.29 7.77
CA ALA A 216 3.70 4.50 6.97
C ALA A 216 3.68 5.04 5.57
N ARG A 217 4.80 5.58 5.10
CA ARG A 217 4.90 6.13 3.75
C ARG A 217 5.45 5.03 2.85
N PHE A 218 4.53 4.36 2.15
CA PHE A 218 4.90 3.26 1.26
C PHE A 218 5.56 3.81 0.03
N PHE A 219 6.64 3.14 -0.42
CA PHE A 219 7.25 3.43 -1.72
C PHE A 219 6.91 2.34 -2.77
N ASN A 220 6.26 2.74 -3.85
CA ASN A 220 5.90 1.82 -4.95
C ASN A 220 5.91 0.31 -4.63
N VAL A 221 4.85 -0.12 -3.96
CA VAL A 221 4.66 -1.48 -3.54
C VAL A 221 4.40 -2.33 -4.76
N PHE A 222 4.92 -3.56 -4.75
CA PHE A 222 4.65 -4.56 -5.77
C PHE A 222 4.72 -5.94 -5.20
N GLY A 223 4.06 -6.88 -5.86
CA GLY A 223 4.13 -8.27 -5.44
C GLY A 223 2.85 -8.99 -5.84
N PRO A 224 2.77 -10.29 -5.49
CA PRO A 224 1.51 -11.00 -5.53
C PRO A 224 0.40 -10.20 -4.85
N GLY A 225 -0.72 -10.11 -5.56
CA GLY A 225 -1.98 -9.68 -4.99
C GLY A 225 -2.51 -8.39 -5.54
N GLU A 226 -1.80 -7.76 -6.48
CA GLU A 226 -2.31 -6.60 -7.19
C GLU A 226 -2.75 -7.03 -8.57
N VAL A 227 -4.05 -6.97 -8.78
CA VAL A 227 -4.63 -7.30 -10.09
C VAL A 227 -4.38 -6.12 -11.01
N PRO A 228 -4.08 -6.38 -12.28
CA PRO A 228 -3.80 -5.28 -13.19
C PRO A 228 -5.03 -4.49 -13.64
N GLY A 229 -4.82 -3.31 -14.22
CA GLY A 229 -5.94 -2.49 -14.63
C GLY A 229 -5.53 -1.09 -14.96
N LYS A 230 -6.47 -0.35 -15.53
CA LYS A 230 -6.25 0.99 -16.11
C LYS A 230 -5.58 1.98 -15.17
N TYR A 231 -6.00 1.92 -13.90
CA TYR A 231 -5.53 2.82 -12.87
C TYR A 231 -4.51 2.17 -11.95
N ARG A 232 -4.06 0.96 -12.28
CA ARG A 232 -3.15 0.24 -11.42
C ARG A 232 -1.69 0.57 -11.72
N ASN A 233 -0.82 0.03 -10.88
CA ASN A 233 0.62 0.23 -10.98
C ASN A 233 1.23 -0.46 -12.17
N VAL A 234 2.42 0.01 -12.53
CA VAL A 234 3.13 -0.45 -13.76
C VAL A 234 3.52 -1.94 -13.76
N ILE A 235 3.99 -2.46 -12.63
CA ILE A 235 4.49 -3.86 -12.65
C ILE A 235 3.38 -4.86 -12.97
N PRO A 236 2.23 -4.79 -12.27
CA PRO A 236 1.20 -5.76 -12.68
C PRO A 236 0.68 -5.55 -14.10
N ASN A 237 0.65 -4.32 -14.58
CA ASN A 237 0.19 -4.08 -15.93
C ASN A 237 1.21 -4.58 -16.95
N PHE A 238 2.50 -4.36 -16.66
CA PHE A 238 3.55 -4.89 -17.52
C PHE A 238 3.50 -6.42 -17.51
N PHE A 239 3.33 -7.06 -16.36
CA PHE A 239 3.16 -8.51 -16.40
C PHE A 239 1.99 -8.90 -17.29
N TYR A 240 0.88 -8.21 -17.13
CA TYR A 240 -0.33 -8.56 -17.88
C TYR A 240 -0.12 -8.38 -19.38
N TRP A 241 0.42 -7.24 -19.78
CA TRP A 241 0.66 -7.02 -21.19
C TRP A 241 1.71 -7.98 -21.76
N ALA A 242 2.79 -8.23 -21.01
CA ALA A 242 3.85 -9.10 -21.49
C ALA A 242 3.34 -10.53 -21.65
N MET A 243 2.47 -10.98 -20.75
CA MET A 243 1.95 -12.32 -20.82
C MET A 243 0.86 -12.47 -21.91
N ASN A 244 0.41 -11.36 -22.50
CA ASN A 244 -0.34 -11.35 -23.75
C ASN A 244 0.50 -10.98 -24.97
N GLN A 245 1.83 -11.01 -24.83
CA GLN A 245 2.76 -10.68 -25.92
C GLN A 245 2.51 -9.33 -26.52
N GLN A 246 2.28 -8.34 -25.69
N GLN A 246 2.24 -8.32 -25.69
CA GLN A 246 2.11 -6.97 -26.16
CA GLN A 246 2.08 -6.96 -26.16
C GLN A 246 3.34 -6.20 -25.74
C GLN A 246 3.34 -6.21 -25.75
N PRO A 247 3.72 -5.17 -26.53
CA PRO A 247 4.90 -4.38 -26.18
C PRO A 247 4.64 -3.61 -24.87
N LEU A 248 5.66 -3.40 -24.06
CA LEU A 248 5.47 -2.71 -22.81
C LEU A 248 5.55 -1.20 -23.06
N PRO A 249 4.45 -0.47 -22.76
CA PRO A 249 4.44 0.98 -23.00
C PRO A 249 5.19 1.73 -21.91
N ILE A 250 6.26 2.42 -22.28
CA ILE A 250 7.05 3.18 -21.34
C ILE A 250 6.69 4.64 -21.49
N THR A 251 6.24 5.24 -20.39
CA THR A 251 5.74 6.61 -20.38
C THR A 251 6.87 7.49 -19.90
N GLY A 252 7.72 7.88 -20.84
CA GLY A 252 9.01 8.50 -20.51
C GLY A 252 10.09 8.00 -21.43
N ASP A 253 11.34 8.18 -21.03
CA ASP A 253 12.46 7.60 -21.78
C ASP A 253 13.00 6.27 -21.26
N GLY A 254 12.51 5.79 -20.11
CA GLY A 254 12.91 4.52 -19.54
C GLY A 254 13.94 4.61 -18.45
N SER A 255 14.57 5.79 -18.34
CA SER A 255 15.63 6.00 -17.35
C SER A 255 15.08 6.56 -16.03
N GLU A 256 13.78 6.83 -15.98
CA GLU A 256 13.15 7.25 -14.74
C GLU A 256 13.26 6.11 -13.77
N THR A 257 13.44 6.41 -12.49
CA THR A 257 13.58 5.40 -11.47
C THR A 257 12.47 5.47 -10.43
N ARG A 258 12.24 4.31 -9.82
CA ARG A 258 11.45 4.17 -8.60
C ARG A 258 12.20 3.33 -7.58
N ASP A 259 11.76 3.50 -6.35
CA ASP A 259 12.09 2.63 -5.22
C ASP A 259 10.88 1.69 -5.05
N TRP A 260 11.00 0.52 -5.70
CA TRP A 260 10.01 -0.56 -5.64
C TRP A 260 10.24 -1.41 -4.40
N THR A 261 9.19 -1.61 -3.61
CA THR A 261 9.31 -2.32 -2.33
C THR A 261 8.39 -3.52 -2.37
N PHE A 262 8.93 -4.72 -2.13
CA PHE A 262 8.17 -5.94 -2.24
C PHE A 262 7.18 -5.98 -1.09
N VAL A 263 5.97 -6.48 -1.40
CA VAL A 263 4.85 -6.43 -0.49
C VAL A 263 5.14 -7.10 0.85
N GLU A 264 5.87 -8.22 0.83
CA GLU A 264 6.21 -8.91 2.07
C GLU A 264 7.13 -8.11 2.97
N ASP A 265 7.95 -7.26 2.37
CA ASP A 265 8.78 -6.30 3.14
C ASP A 265 7.93 -5.23 3.78
N ILE A 266 6.96 -4.73 3.03
CA ILE A 266 6.03 -3.73 3.50
C ILE A 266 5.27 -4.27 4.71
N VAL A 267 4.80 -5.50 4.59
CA VAL A 267 4.03 -6.12 5.64
C VAL A 267 4.85 -6.28 6.93
N ARG A 268 6.10 -6.74 6.81
CA ARG A 268 6.94 -6.84 8.00
C ARG A 268 7.10 -5.45 8.63
N GLY A 269 7.26 -4.42 7.79
CA GLY A 269 7.25 -3.04 8.29
C GLY A 269 5.99 -2.69 9.11
N LEU A 270 4.83 -2.98 8.52
CA LEU A 270 3.53 -2.66 9.14
C LEU A 270 3.37 -3.36 10.48
N MET A 271 3.77 -4.62 10.53
CA MET A 271 3.56 -5.40 11.72
C MET A 271 4.43 -4.96 12.88
N ALA A 272 5.66 -4.58 12.57
CA ALA A 272 6.51 -3.88 13.53
C ALA A 272 5.91 -2.58 14.01
N MET A 273 5.25 -1.85 13.10
CA MET A 273 4.65 -0.55 13.44
C MET A 273 3.50 -0.68 14.44
N GLY A 274 2.75 -1.76 14.32
CA GLY A 274 1.70 -2.02 15.25
C GLY A 274 2.13 -2.18 16.69
N VAL A 275 3.32 -2.75 16.92
CA VAL A 275 3.76 -3.14 18.27
C VAL A 275 4.91 -2.31 18.88
N ARG A 276 5.78 -1.73 18.07
CA ARG A 276 6.91 -0.93 18.60
C ARG A 276 6.46 0.43 19.13
N ARG A 277 6.64 0.67 20.43
CA ARG A 277 6.31 1.96 21.06
C ARG A 277 6.92 3.14 20.35
N GLU A 278 8.12 2.94 19.83
CA GLU A 278 8.92 4.01 19.22
C GLU A 278 8.31 4.54 17.91
N ALA A 279 7.49 3.73 17.25
CA ALA A 279 6.79 4.19 16.05
C ALA A 279 5.62 5.17 16.32
N ILE A 280 5.15 5.23 17.57
CA ILE A 280 3.94 6.00 17.91
C ILE A 280 4.14 7.45 17.59
N GLY A 281 3.19 8.00 16.82
CA GLY A 281 3.24 9.42 16.45
C GLY A 281 4.18 9.75 15.32
N GLU A 282 4.86 8.76 14.75
CA GLU A 282 5.87 8.99 13.74
C GLU A 282 5.38 8.75 12.31
N ALA A 283 5.93 9.49 11.37
CA ALA A 283 5.94 9.09 9.96
C ALA A 283 7.24 8.33 9.67
N ILE A 284 7.14 7.21 8.95
CA ILE A 284 8.25 6.31 8.69
C ILE A 284 8.13 5.78 7.26
N ASN A 285 9.13 6.03 6.43
CA ASN A 285 9.22 5.45 5.10
C ASN A 285 9.37 3.93 5.18
N LEU A 286 8.60 3.23 4.37
CA LEU A 286 8.80 1.83 4.13
C LEU A 286 9.11 1.71 2.64
N GLY A 287 10.38 1.49 2.32
CA GLY A 287 10.85 1.30 0.94
C GLY A 287 11.95 0.24 0.87
N SER A 288 12.51 0.02 -0.32
CA SER A 288 13.69 -0.84 -0.46
C SER A 288 14.98 -0.04 -0.22
N GLY A 289 14.93 1.26 -0.44
CA GLY A 289 16.13 2.09 -0.31
C GLY A 289 17.07 1.98 -1.50
N THR A 290 16.61 1.41 -2.61
CA THR A 290 17.36 1.30 -3.84
C THR A 290 16.48 1.74 -5.00
N GLU A 291 17.12 2.14 -6.08
CA GLU A 291 16.48 2.68 -7.26
C GLU A 291 16.61 1.69 -8.37
N HIS A 292 15.59 1.60 -9.20
CA HIS A 292 15.70 0.90 -10.47
C HIS A 292 15.06 1.69 -11.56
N GLN A 293 15.68 1.62 -12.74
CA GLN A 293 15.15 2.26 -13.92
C GLN A 293 13.95 1.50 -14.49
N VAL A 294 13.01 2.24 -15.03
CA VAL A 294 11.86 1.65 -15.66
C VAL A 294 12.26 0.66 -16.77
N ILE A 295 13.24 1.03 -17.60
CA ILE A 295 13.70 0.13 -18.69
C ILE A 295 14.28 -1.20 -18.18
N GLU A 296 14.92 -1.17 -17.04
CA GLU A 296 15.41 -2.41 -16.42
C GLU A 296 14.22 -3.30 -16.01
N MET A 297 13.28 -2.68 -15.32
CA MET A 297 12.09 -3.36 -14.88
C MET A 297 11.34 -3.97 -16.07
N ALA A 298 11.12 -3.17 -17.12
CA ALA A 298 10.50 -3.71 -18.37
C ALA A 298 11.27 -4.92 -18.95
N GLY A 299 12.60 -4.81 -18.96
CA GLY A 299 13.47 -5.86 -19.48
C GLY A 299 13.33 -7.13 -18.71
N ILE A 300 13.35 -7.03 -17.37
CA ILE A 300 13.21 -8.22 -16.57
C ILE A 300 11.87 -8.90 -16.84
N ILE A 301 10.81 -8.10 -16.91
CA ILE A 301 9.48 -8.66 -17.07
C ILE A 301 9.33 -9.35 -18.46
N ASN A 302 9.84 -8.71 -19.50
CA ASN A 302 9.88 -9.35 -20.81
C ASN A 302 10.69 -10.66 -20.81
N GLU A 303 11.81 -10.65 -20.10
CA GLU A 303 12.63 -11.87 -19.97
C GLU A 303 11.86 -12.99 -19.26
N LEU A 304 11.26 -12.68 -18.13
CA LEU A 304 10.55 -13.66 -17.31
C LEU A 304 9.35 -14.24 -18.05
N THR A 305 8.67 -13.44 -18.85
CA THR A 305 7.45 -13.85 -19.49
C THR A 305 7.72 -14.34 -20.92
N GLU A 306 8.99 -14.36 -21.35
CA GLU A 306 9.32 -14.73 -22.73
C GLU A 306 8.49 -13.91 -23.70
N ASN A 307 8.29 -12.62 -23.40
CA ASN A 307 7.55 -11.73 -24.31
C ASN A 307 8.44 -11.34 -25.49
N PRO A 308 7.95 -11.50 -26.73
CA PRO A 308 8.72 -11.09 -27.89
C PRO A 308 8.50 -9.68 -28.37
N ALA A 309 7.52 -8.97 -27.83
CA ALA A 309 7.09 -7.72 -28.42
C ALA A 309 7.92 -6.51 -27.95
N GLY A 310 8.81 -6.68 -26.98
CA GLY A 310 9.70 -5.61 -26.57
C GLY A 310 8.95 -4.48 -25.88
N VAL A 311 9.27 -3.25 -26.27
CA VAL A 311 8.94 -2.03 -25.56
C VAL A 311 8.53 -0.96 -26.58
N VAL A 312 7.57 -0.09 -26.22
CA VAL A 312 7.28 1.14 -27.00
C VAL A 312 7.28 2.37 -26.09
N TYR A 313 7.57 3.51 -26.66
CA TYR A 313 7.77 4.71 -25.88
C TYR A 313 6.62 5.64 -26.10
N ARG A 314 6.14 6.21 -25.02
CA ARG A 314 5.00 7.10 -25.01
C ARG A 314 5.38 8.32 -24.21
N PRO A 315 4.63 9.41 -24.33
CA PRO A 315 5.01 10.61 -23.57
C PRO A 315 4.88 10.42 -22.03
N ARG A 316 5.66 11.19 -21.30
CA ARG A 316 5.51 11.26 -19.84
C ARG A 316 4.08 11.67 -19.52
N ARG A 317 3.52 11.08 -18.47
CA ARG A 317 2.15 11.41 -18.07
C ARG A 317 2.24 12.83 -17.49
N ASP A 318 1.27 13.69 -17.81
CA ASP A 318 1.42 15.14 -17.47
C ASP A 318 1.54 15.51 -16.00
N TRP A 319 0.96 14.71 -15.10
CA TRP A 319 1.07 14.93 -13.65
C TRP A 319 2.36 14.37 -13.04
N ASP A 320 3.11 13.57 -13.81
CA ASP A 320 4.26 12.83 -13.29
C ASP A 320 5.53 13.65 -13.44
N ALA A 321 5.79 14.43 -12.40
CA ALA A 321 6.97 15.26 -12.26
C ALA A 321 8.18 14.52 -11.66
N LYS A 322 8.02 13.27 -11.30
CA LYS A 322 9.09 12.51 -10.70
C LYS A 322 9.98 11.66 -11.56
N THR A 323 11.14 12.14 -11.97
CA THR A 323 12.06 11.32 -12.75
C THR A 323 12.75 10.29 -11.84
N ARG A 324 12.77 10.55 -10.52
CA ARG A 324 13.36 9.64 -9.53
C ARG A 324 12.51 9.63 -8.26
N LEU A 325 12.37 8.47 -7.64
CA LEU A 325 11.93 8.37 -6.29
C LEU A 325 12.89 7.43 -5.60
N LEU A 326 13.36 7.80 -4.43
CA LEU A 326 14.26 6.99 -3.64
C LEU A 326 14.13 7.40 -2.18
N SER A 327 13.72 6.48 -1.36
CA SER A 327 13.57 6.75 0.04
C SER A 327 14.78 6.47 0.87
N SER A 328 14.82 7.03 2.06
CA SER A 328 15.83 6.73 3.00
C SER A 328 15.07 5.90 4.03
N ILE A 329 15.54 4.71 4.29
CA ILE A 329 14.92 3.84 5.22
C ILE A 329 15.68 3.75 6.53
N ASP A 330 16.50 4.71 6.88
N ASP A 330 16.53 4.71 6.90
CA ASP A 330 17.27 4.68 8.12
CA ASP A 330 17.26 4.66 8.17
C ASP A 330 16.38 4.84 9.36
C ASP A 330 16.32 4.77 9.36
N LYS A 331 15.32 5.64 9.27
CA LYS A 331 14.35 5.76 10.38
C LYS A 331 13.65 4.41 10.66
N ALA A 332 13.25 3.69 9.61
CA ALA A 332 12.63 2.40 9.83
C ALA A 332 13.59 1.39 10.44
N ARG A 333 14.87 1.45 10.05
CA ARG A 333 15.89 0.57 10.65
C ARG A 333 15.97 0.87 12.12
N ARG A 334 16.24 2.12 12.45
N ARG A 334 16.21 2.14 12.47
CA ARG A 334 16.29 2.65 13.79
CA ARG A 334 16.30 2.55 13.89
C ARG A 334 15.11 2.29 14.67
C ARG A 334 15.08 2.10 14.66
N LEU A 335 13.90 2.60 14.24
CA LEU A 335 12.69 2.44 15.07
C LEU A 335 12.05 1.05 15.02
N LEU A 336 12.20 0.33 13.91
CA LEU A 336 11.49 -0.94 13.72
C LEU A 336 12.37 -2.16 13.46
N ASP A 337 13.69 -1.97 13.40
CA ASP A 337 14.62 -2.98 12.91
C ASP A 337 14.17 -3.51 11.58
N TYR A 338 13.65 -2.61 10.76
CA TYR A 338 13.20 -2.94 9.40
C TYR A 338 14.38 -3.12 8.48
N GLU A 339 14.34 -4.15 7.65
CA GLU A 339 15.36 -4.37 6.63
C GLU A 339 14.75 -5.15 5.46
N PRO A 340 14.76 -4.59 4.25
CA PRO A 340 14.22 -5.39 3.17
C PRO A 340 14.96 -6.72 3.01
N GLN A 341 14.21 -7.78 2.79
CA GLN A 341 14.73 -9.11 2.60
C GLN A 341 14.58 -9.63 1.20
N VAL A 342 13.80 -8.98 0.34
CA VAL A 342 13.48 -9.57 -0.97
C VAL A 342 14.03 -8.67 -2.03
N SER A 343 14.87 -9.19 -2.90
CA SER A 343 15.47 -8.34 -3.92
C SER A 343 14.43 -8.02 -4.99
N PHE A 344 14.72 -6.95 -5.72
CA PHE A 344 13.91 -6.51 -6.83
C PHE A 344 13.61 -7.68 -7.76
N ARG A 345 14.68 -8.32 -8.19
CA ARG A 345 14.61 -9.51 -9.04
C ARG A 345 13.79 -10.66 -8.43
N GLU A 346 14.06 -11.00 -7.18
CA GLU A 346 13.30 -12.09 -6.51
C GLU A 346 11.83 -11.69 -6.43
N GLY A 347 11.59 -10.42 -6.11
CA GLY A 347 10.23 -9.90 -6.02
C GLY A 347 9.51 -10.03 -7.35
N LEU A 348 10.20 -9.70 -8.45
CA LEU A 348 9.58 -9.82 -9.77
C LEU A 348 9.27 -11.24 -10.12
N GLU A 349 10.12 -12.16 -9.68
CA GLU A 349 9.94 -13.59 -9.95
C GLU A 349 8.74 -14.15 -9.21
N ARG A 350 8.59 -13.72 -7.97
CA ARG A 350 7.44 -14.09 -7.15
C ARG A 350 6.15 -13.55 -7.69
N THR A 351 6.23 -12.31 -8.19
CA THR A 351 5.09 -11.67 -8.78
C THR A 351 4.69 -12.47 -10.02
N HIS A 352 5.68 -12.82 -10.83
CA HIS A 352 5.44 -13.64 -12.03
C HIS A 352 4.76 -14.97 -11.67
N ARG A 353 5.21 -15.61 -10.60
CA ARG A 353 4.63 -16.91 -10.19
C ARG A 353 3.14 -16.75 -9.85
N TRP A 354 2.83 -15.70 -9.10
CA TRP A 354 1.45 -15.35 -8.82
C TRP A 354 0.64 -15.18 -10.10
N PHE A 355 1.22 -14.47 -11.06
CA PHE A 355 0.52 -14.30 -12.34
C PHE A 355 0.27 -15.65 -13.03
N THR A 356 1.27 -16.53 -13.10
CA THR A 356 1.10 -17.76 -13.89
C THR A 356 0.10 -18.68 -13.21
N GLU A 357 0.23 -18.78 -11.89
CA GLU A 357 -0.66 -19.62 -11.08
C GLU A 357 -2.13 -19.17 -11.06
N ASN A 358 -2.40 -17.88 -11.27
CA ASN A 358 -3.77 -17.38 -11.27
C ASN A 358 -4.12 -16.68 -12.55
N TRP A 359 -3.52 -17.12 -13.66
CA TRP A 359 -3.61 -16.36 -14.89
C TRP A 359 -5.03 -16.15 -15.41
N GLU A 360 -5.82 -17.21 -15.43
CA GLU A 360 -7.16 -17.10 -16.00
C GLU A 360 -8.03 -16.20 -15.12
N LEU A 361 -7.89 -16.34 -13.80
CA LEU A 361 -8.60 -15.49 -12.86
C LEU A 361 -8.19 -14.01 -13.00
N ILE A 362 -6.90 -13.77 -13.23
CA ILE A 362 -6.41 -12.41 -13.47
C ILE A 362 -6.96 -11.84 -14.78
N ARG A 363 -7.12 -12.68 -15.80
CA ARG A 363 -7.68 -12.24 -17.07
C ARG A 363 -9.15 -11.87 -16.94
N LYS A 364 -9.91 -12.65 -16.18
CA LYS A 364 -11.29 -12.34 -15.89
C LYS A 364 -11.37 -11.05 -15.06
N SER A 365 -10.45 -10.89 -14.11
CA SER A 365 -10.51 -9.83 -13.15
C SER A 365 -9.91 -8.49 -13.59
N ALA A 366 -9.10 -8.46 -14.65
CA ALA A 366 -8.35 -7.24 -15.02
C ALA A 366 -9.26 -6.05 -15.29
N GLU A 367 -8.86 -4.89 -14.78
CA GLU A 367 -9.70 -3.70 -14.71
C GLU A 367 -9.34 -2.68 -15.80
N PHE A 368 -9.50 -3.01 -17.08
CA PHE A 368 -9.05 -2.06 -18.13
C PHE A 368 -10.17 -1.22 -18.75
#